data_2DSV
#
_entry.id   2DSV
#
_cell.length_a   62.770
_cell.length_b   66.310
_cell.length_c   107.122
_cell.angle_alpha   90.00
_cell.angle_beta   90.00
_cell.angle_gamma   90.00
#
_symmetry.space_group_name_H-M   'P 21 21 21'
#
loop_
_entity.id
_entity.type
_entity.pdbx_description
1 polymer 'Chitinase-3-like protein 1'
2 branched alpha-D-mannopyranose-(1-4)-alpha-D-mannopyranose-(1-4)-2-acetamido-2-deoxy-beta-D-glucopyranose-(1-4)-2-acetamido-2-deoxy-beta-D-glucopyranose
3 branched 2-acetamido-2-deoxy-beta-D-glucopyranose-(1-4)-2-acetamido-2-deoxy-beta-D-glucopyranose-(1-4)-2-acetamido-2-deoxy-beta-D-glucopyranose-(1-4)-2-acetamido-2-deoxy-beta-D-glucopyranose-(1-4)-2-acetamido-2-deoxy-beta-D-glucopyranose-(1-4)-2-acetamido-2-deoxy-beta-D-glucopyranose
4 water water
#
_entity_poly.entity_id   1
_entity_poly.type   'polypeptide(L)'
_entity_poly.pdbx_seq_one_letter_code
;YKLICYYTSWSQYREGDGSCFPDAIDPFLCTHVIYSFANISNNEIDTWEWNDVTLYDTLNTLKNRNPKLKTLLSVGGWNF
GPERFSAIASKTQSRRTFIKSVPPFLRTHGFDGLDLAWLYPGRRDKRHLTTLVKEMKAEFIREAQAGTEQLLLSAAVSAG
KIAIDRGYDIAQISRHLDFISLLTYDFHGAWRQTVGHHSPLFAGNEDASSRFSNADYAVSYMLRLGAPANKLVMGIPTFG
RSFTLASSKTDVGAPVSGPGVPGRFTKEKGILAYYEICDFLHGATTHRFRDQQVPYATKGNQWVAYDDQESVKNKARYLK
NRQLAGAMVWALDLDDFRGTFCGQNLTFPLTSAVKDVLAEV
;
_entity_poly.pdbx_strand_id   A
#
# COMPACT_ATOMS: atom_id res chain seq x y z
N TYR A 1 -0.87 -14.23 -11.49
CA TYR A 1 -0.81 -13.41 -10.26
C TYR A 1 -0.30 -12.01 -10.57
N LYS A 2 -0.90 -11.01 -9.94
CA LYS A 2 -0.48 -9.64 -10.12
C LYS A 2 0.43 -9.26 -8.96
N LEU A 3 1.41 -8.41 -9.22
CA LEU A 3 2.29 -7.92 -8.16
C LEU A 3 2.25 -6.41 -8.35
N ILE A 4 1.50 -5.75 -7.48
CA ILE A 4 1.32 -4.31 -7.53
C ILE A 4 2.28 -3.67 -6.55
N CYS A 5 3.08 -2.74 -7.05
CA CYS A 5 4.08 -2.09 -6.22
C CYS A 5 4.00 -0.57 -6.28
N TYR A 6 4.02 0.05 -5.11
CA TYR A 6 3.98 1.50 -5.02
C TYR A 6 5.37 2.10 -4.91
N TYR A 7 5.55 3.24 -5.56
CA TYR A 7 6.79 3.99 -5.52
C TYR A 7 6.35 5.38 -5.04
N THR A 8 7.02 5.93 -4.05
CA THR A 8 6.62 7.23 -3.55
C THR A 8 7.44 8.42 -4.03
N SER A 9 6.70 9.47 -4.34
CA SER A 9 7.21 10.75 -4.83
C SER A 9 8.30 11.40 -3.98
N TRP A 10 8.09 11.36 -2.66
CA TRP A 10 9.00 11.99 -1.72
C TRP A 10 10.28 11.26 -1.33
N SER A 11 10.46 10.04 -1.83
CA SER A 11 11.65 9.27 -1.49
C SER A 11 12.93 9.78 -2.14
N GLN A 12 12.80 10.63 -3.14
CA GLN A 12 13.94 11.18 -3.84
C GLN A 12 14.72 12.13 -2.93
N TYR A 13 14.03 12.70 -1.96
CA TYR A 13 14.61 13.67 -1.01
C TYR A 13 15.34 13.12 0.19
N ARG A 14 15.41 11.80 0.34
CA ARG A 14 16.10 11.20 1.47
C ARG A 14 17.59 11.30 1.22
N GLU A 15 18.39 11.47 2.27
CA GLU A 15 19.82 11.59 2.05
C GLU A 15 20.61 10.30 1.87
N GLY A 16 21.74 10.45 1.22
CA GLY A 16 22.61 9.33 0.96
C GLY A 16 21.90 8.21 0.24
N ASP A 17 22.20 6.99 0.66
CA ASP A 17 21.63 5.79 0.10
C ASP A 17 20.11 5.72 0.17
N GLY A 18 19.52 6.42 1.12
CA GLY A 18 18.07 6.42 1.24
C GLY A 18 17.38 6.98 -0.01
N SER A 19 18.05 7.88 -0.72
CA SER A 19 17.47 8.48 -1.91
C SER A 19 17.12 7.43 -2.94
N CYS A 20 15.89 7.49 -3.44
CA CYS A 20 15.44 6.54 -4.44
C CYS A 20 14.74 7.20 -5.62
N PHE A 21 15.25 6.96 -6.82
CA PHE A 21 14.64 7.50 -8.03
C PHE A 21 14.06 6.32 -8.81
N PRO A 22 13.05 6.57 -9.63
CA PRO A 22 12.39 5.54 -10.44
C PRO A 22 13.28 4.57 -11.21
N ASP A 23 14.42 5.03 -11.71
CA ASP A 23 15.29 4.14 -12.48
C ASP A 23 15.98 3.08 -11.63
N ALA A 24 15.73 3.09 -10.32
CA ALA A 24 16.31 2.10 -9.44
C ALA A 24 15.41 0.87 -9.40
N ILE A 25 14.21 1.02 -9.96
CA ILE A 25 13.22 -0.07 -10.00
C ILE A 25 13.52 -1.11 -11.06
N ASP A 26 13.56 -2.38 -10.66
CA ASP A 26 13.78 -3.47 -11.59
C ASP A 26 12.49 -3.58 -12.41
N PRO A 27 12.58 -3.39 -13.74
CA PRO A 27 11.43 -3.44 -14.66
C PRO A 27 10.65 -4.73 -14.65
N PHE A 28 11.32 -5.84 -14.35
CA PHE A 28 10.69 -7.15 -14.35
C PHE A 28 10.29 -7.65 -12.99
N LEU A 29 10.39 -6.79 -11.98
CA LEU A 29 10.05 -7.16 -10.62
C LEU A 29 8.54 -7.28 -10.40
N CYS A 30 7.79 -6.21 -10.69
CA CYS A 30 6.34 -6.20 -10.49
C CYS A 30 5.60 -6.23 -11.81
N THR A 31 4.29 -6.45 -11.76
CA THR A 31 3.49 -6.45 -12.97
C THR A 31 2.93 -5.05 -13.16
N HIS A 32 2.70 -4.37 -12.05
CA HIS A 32 2.16 -3.02 -12.05
C HIS A 32 2.89 -2.15 -11.04
N VAL A 33 3.31 -0.98 -11.48
CA VAL A 33 3.98 -0.02 -10.61
C VAL A 33 3.09 1.21 -10.52
N ILE A 34 2.72 1.57 -9.30
CA ILE A 34 1.87 2.72 -9.04
C ILE A 34 2.67 3.87 -8.41
N TYR A 35 2.55 5.05 -9.01
CA TYR A 35 3.24 6.26 -8.55
C TYR A 35 2.33 7.02 -7.57
N SER A 36 2.85 7.33 -6.39
CA SER A 36 2.10 8.04 -5.35
C SER A 36 2.76 9.38 -5.05
N PHE A 37 2.01 10.47 -5.00
CA PHE A 37 0.57 10.54 -5.24
C PHE A 37 0.35 11.75 -6.15
N ALA A 38 -0.84 11.84 -6.75
CA ALA A 38 -1.19 12.97 -7.59
C ALA A 38 -2.04 13.88 -6.70
N ASN A 39 -2.17 15.15 -7.07
CA ASN A 39 -2.94 16.13 -6.31
C ASN A 39 -4.20 16.45 -7.13
N ILE A 40 -5.11 17.24 -6.57
CA ILE A 40 -6.32 17.67 -7.25
C ILE A 40 -6.41 19.17 -7.08
N SER A 41 -6.27 19.92 -8.18
CA SER A 41 -6.36 21.38 -8.15
C SER A 41 -7.44 21.86 -9.10
N ASN A 42 -8.23 22.82 -8.66
CA ASN A 42 -9.29 23.35 -9.50
C ASN A 42 -10.06 22.15 -10.01
N ASN A 43 -10.37 21.24 -9.09
CA ASN A 43 -11.12 20.02 -9.38
C ASN A 43 -10.58 19.16 -10.53
N GLU A 44 -9.29 19.30 -10.81
CA GLU A 44 -8.64 18.54 -11.86
C GLU A 44 -7.45 17.81 -11.24
N ILE A 45 -7.12 16.65 -11.79
CA ILE A 45 -5.97 15.90 -11.30
C ILE A 45 -4.77 16.76 -11.69
N ASP A 46 -3.71 16.68 -10.91
CA ASP A 46 -2.56 17.52 -11.17
C ASP A 46 -1.31 16.93 -10.54
N THR A 47 -0.15 17.50 -10.86
CA THR A 47 1.10 17.02 -10.30
C THR A 47 1.21 17.44 -8.84
N TRP A 48 2.19 16.90 -8.13
CA TRP A 48 2.39 17.22 -6.72
C TRP A 48 3.77 17.83 -6.47
N GLU A 49 4.82 17.15 -6.91
CA GLU A 49 6.19 17.63 -6.74
C GLU A 49 6.57 18.50 -7.93
N TRP A 50 7.57 19.37 -7.75
CA TRP A 50 8.01 20.24 -8.83
C TRP A 50 8.53 19.44 -10.03
N ASN A 51 9.16 18.30 -9.78
CA ASN A 51 9.71 17.50 -10.88
C ASN A 51 8.96 16.22 -11.27
N ASP A 52 7.68 16.13 -10.93
CA ASP A 52 6.91 14.94 -11.27
C ASP A 52 6.92 14.56 -12.75
N VAL A 53 6.73 15.52 -13.67
CA VAL A 53 6.71 15.13 -15.08
C VAL A 53 8.04 14.48 -15.48
N THR A 54 9.17 14.86 -14.86
CA THR A 54 10.43 14.22 -15.21
C THR A 54 10.45 12.79 -14.63
N LEU A 55 9.99 12.64 -13.40
CA LEU A 55 9.95 11.34 -12.75
C LEU A 55 8.91 10.45 -13.43
N TYR A 56 7.78 11.02 -13.84
CA TYR A 56 6.73 10.28 -14.53
C TYR A 56 7.40 9.65 -15.74
N ASP A 57 8.18 10.48 -16.43
CA ASP A 57 8.88 10.09 -17.64
C ASP A 57 9.92 8.99 -17.39
N THR A 58 10.68 9.11 -16.30
CA THR A 58 11.69 8.13 -15.96
C THR A 58 11.03 6.78 -15.62
N LEU A 59 9.94 6.84 -14.86
CA LEU A 59 9.21 5.64 -14.47
C LEU A 59 8.63 4.93 -15.68
N ASN A 60 8.03 5.69 -16.59
CA ASN A 60 7.44 5.08 -17.76
C ASN A 60 8.41 4.59 -18.83
N THR A 61 9.68 4.95 -18.73
CA THR A 61 10.67 4.47 -19.70
C THR A 61 10.93 2.99 -19.38
N LEU A 62 10.67 2.60 -18.14
CA LEU A 62 10.88 1.22 -17.71
C LEU A 62 10.11 0.29 -18.64
N LYS A 63 9.06 0.82 -19.27
CA LYS A 63 8.26 0.03 -20.19
C LYS A 63 8.98 -0.24 -21.52
N ASN A 64 10.12 0.43 -21.75
CA ASN A 64 10.89 0.19 -22.96
C ASN A 64 11.70 -1.09 -22.76
N ARG A 65 12.05 -1.37 -21.50
CA ARG A 65 12.81 -2.59 -21.20
C ARG A 65 11.83 -3.77 -20.97
N ASN A 66 10.65 -3.48 -20.44
CA ASN A 66 9.62 -4.50 -20.22
C ASN A 66 8.27 -3.98 -20.68
N PRO A 67 7.85 -4.37 -21.89
CA PRO A 67 6.59 -3.99 -22.53
C PRO A 67 5.31 -4.43 -21.81
N LYS A 68 5.40 -5.48 -21.00
CA LYS A 68 4.24 -5.97 -20.27
C LYS A 68 3.90 -5.14 -19.03
N LEU A 69 4.88 -4.39 -18.54
CA LEU A 69 4.70 -3.57 -17.35
C LEU A 69 3.61 -2.51 -17.50
N LYS A 70 2.72 -2.44 -16.52
CA LYS A 70 1.67 -1.44 -16.51
C LYS A 70 1.99 -0.46 -15.38
N THR A 71 1.74 0.82 -15.62
CA THR A 71 1.98 1.83 -14.58
C THR A 71 0.67 2.56 -14.33
N LEU A 72 0.48 3.03 -13.10
CA LEU A 72 -0.73 3.76 -12.75
C LEU A 72 -0.36 4.95 -11.88
N LEU A 73 -1.22 5.96 -11.87
CA LEU A 73 -0.99 7.13 -11.05
C LEU A 73 -2.07 7.10 -9.98
N SER A 74 -1.65 7.28 -8.73
CA SER A 74 -2.55 7.24 -7.60
C SER A 74 -2.95 8.64 -7.08
N VAL A 75 -4.23 8.84 -6.79
CA VAL A 75 -4.70 10.12 -6.24
C VAL A 75 -5.06 9.91 -4.78
N GLY A 76 -4.73 10.87 -3.93
CA GLY A 76 -5.08 10.72 -2.54
C GLY A 76 -3.93 10.50 -1.61
N GLY A 77 -4.07 9.49 -0.74
CA GLY A 77 -3.03 9.19 0.22
C GLY A 77 -3.41 9.63 1.63
N TRP A 78 -2.66 9.15 2.62
CA TRP A 78 -2.95 9.48 4.02
C TRP A 78 -2.94 10.98 4.27
N ASN A 79 -1.87 11.65 3.85
CA ASN A 79 -1.73 13.09 4.04
C ASN A 79 -2.65 13.92 3.16
N PHE A 80 -3.55 13.26 2.45
CA PHE A 80 -4.49 13.98 1.60
C PHE A 80 -5.75 14.06 2.45
N GLY A 81 -6.34 15.25 2.54
CA GLY A 81 -7.52 15.38 3.35
C GLY A 81 -8.69 14.61 2.74
N PRO A 82 -9.36 13.73 3.50
CA PRO A 82 -10.48 13.01 2.91
C PRO A 82 -11.66 13.97 2.66
N GLU A 83 -11.63 15.13 3.31
CA GLU A 83 -12.68 16.13 3.13
C GLU A 83 -12.68 16.56 1.68
N ARG A 84 -11.47 16.78 1.15
CA ARG A 84 -11.30 17.20 -0.23
C ARG A 84 -11.92 16.22 -1.23
N PHE A 85 -11.74 14.93 -1.00
CA PHE A 85 -12.33 13.92 -1.89
C PHE A 85 -13.83 14.03 -1.71
N SER A 86 -14.24 14.13 -0.45
CA SER A 86 -15.63 14.25 -0.07
C SER A 86 -16.38 15.38 -0.79
N ALA A 87 -15.78 16.56 -0.86
CA ALA A 87 -16.43 17.71 -1.50
C ALA A 87 -16.50 17.56 -3.03
N ILE A 88 -15.44 17.01 -3.63
CA ILE A 88 -15.38 16.82 -5.07
C ILE A 88 -16.36 15.75 -5.54
N ALA A 89 -16.53 14.72 -4.73
CA ALA A 89 -17.42 13.60 -5.08
C ALA A 89 -18.91 13.79 -4.80
N SER A 90 -19.27 14.62 -3.83
CA SER A 90 -20.68 14.80 -3.48
C SER A 90 -21.46 15.76 -4.37
N LYS A 91 -20.76 16.42 -5.28
CA LYS A 91 -21.39 17.36 -6.21
C LYS A 91 -21.19 16.80 -7.60
N THR A 92 -22.28 16.44 -8.26
CA THR A 92 -22.17 15.89 -9.60
C THR A 92 -21.33 16.74 -10.54
N GLN A 93 -21.37 18.05 -10.37
CA GLN A 93 -20.62 18.94 -11.25
C GLN A 93 -19.10 18.89 -11.09
N SER A 94 -18.61 18.97 -9.86
CA SER A 94 -17.16 18.93 -9.66
C SER A 94 -16.65 17.52 -9.84
N ARG A 95 -17.55 16.55 -9.73
CA ARG A 95 -17.18 15.15 -9.90
C ARG A 95 -16.93 14.87 -11.38
N ARG A 96 -17.80 15.39 -12.23
CA ARG A 96 -17.66 15.19 -13.67
C ARG A 96 -16.44 15.95 -14.17
N THR A 97 -16.16 17.08 -13.54
CA THR A 97 -15.00 17.89 -13.92
C THR A 97 -13.70 17.15 -13.65
N PHE A 98 -13.60 16.50 -12.50
CA PHE A 98 -12.39 15.75 -12.14
C PHE A 98 -12.28 14.51 -13.01
N ILE A 99 -13.38 13.79 -13.16
CA ILE A 99 -13.41 12.59 -13.99
C ILE A 99 -12.95 12.89 -15.42
N LYS A 100 -13.54 13.92 -16.03
CA LYS A 100 -13.20 14.30 -17.39
C LYS A 100 -11.75 14.71 -17.58
N SER A 101 -11.12 15.18 -16.51
CA SER A 101 -9.73 15.63 -16.60
C SER A 101 -8.72 14.51 -16.45
N VAL A 102 -9.18 13.33 -16.08
CA VAL A 102 -8.24 12.24 -15.84
C VAL A 102 -7.62 11.55 -17.05
N PRO A 103 -8.43 11.12 -18.03
CA PRO A 103 -7.85 10.45 -19.20
C PRO A 103 -6.76 11.22 -19.95
N PRO A 104 -7.02 12.49 -20.33
CA PRO A 104 -6.01 13.28 -21.04
C PRO A 104 -4.69 13.38 -20.27
N PHE A 105 -4.80 13.50 -18.95
CA PHE A 105 -3.62 13.63 -18.09
C PHE A 105 -2.83 12.32 -18.11
N LEU A 106 -3.54 11.21 -17.95
CA LEU A 106 -2.91 9.90 -17.95
C LEU A 106 -2.26 9.62 -19.29
N ARG A 107 -2.96 9.94 -20.37
CA ARG A 107 -2.44 9.69 -21.70
C ARG A 107 -1.21 10.55 -22.05
N THR A 108 -1.16 11.77 -21.55
CA THR A 108 -0.03 12.66 -21.82
C THR A 108 1.26 12.17 -21.16
N HIS A 109 1.13 11.72 -19.91
CA HIS A 109 2.31 11.28 -19.17
C HIS A 109 2.60 9.79 -19.27
N GLY A 110 1.89 9.10 -20.15
CA GLY A 110 2.14 7.69 -20.37
C GLY A 110 1.70 6.69 -19.34
N PHE A 111 0.68 7.00 -18.56
CA PHE A 111 0.18 6.06 -17.56
C PHE A 111 -0.85 5.13 -18.16
N ASP A 112 -1.02 3.96 -17.55
CA ASP A 112 -1.99 3.00 -18.04
C ASP A 112 -3.25 2.95 -17.18
N GLY A 113 -3.29 3.72 -16.11
CA GLY A 113 -4.46 3.70 -15.27
C GLY A 113 -4.43 4.66 -14.11
N LEU A 114 -5.55 4.72 -13.40
CA LEU A 114 -5.68 5.56 -12.23
C LEU A 114 -5.93 4.69 -11.01
N ASP A 115 -5.32 5.05 -9.88
CA ASP A 115 -5.53 4.35 -8.63
C ASP A 115 -6.15 5.33 -7.65
N LEU A 116 -7.26 4.94 -7.03
CA LEU A 116 -7.93 5.83 -6.09
C LEU A 116 -7.58 5.46 -4.65
N ALA A 117 -7.00 6.40 -3.93
CA ALA A 117 -6.61 6.19 -2.54
C ALA A 117 -7.32 7.19 -1.61
N TRP A 118 -8.63 7.12 -1.55
CA TRP A 118 -9.39 8.01 -0.68
C TRP A 118 -9.28 7.39 0.70
N LEU A 119 -8.61 8.08 1.63
CA LEU A 119 -8.44 7.53 2.98
C LEU A 119 -8.87 8.53 4.06
N TYR A 120 -10.09 8.40 4.57
CA TYR A 120 -11.06 7.38 4.19
C TYR A 120 -12.47 7.94 4.05
N PRO A 121 -13.36 7.21 3.36
CA PRO A 121 -14.74 7.62 3.15
C PRO A 121 -15.54 7.39 4.42
N GLY A 122 -16.39 8.34 4.79
CA GLY A 122 -17.19 8.19 5.99
C GLY A 122 -18.56 7.65 5.65
N ARG A 123 -19.43 7.57 6.65
CA ARG A 123 -20.79 7.09 6.46
C ARG A 123 -21.55 7.95 5.44
N ARG A 124 -21.32 9.26 5.46
CA ARG A 124 -22.01 10.12 4.52
C ARG A 124 -21.41 10.08 3.11
N ASP A 125 -20.26 9.43 2.95
CA ASP A 125 -19.59 9.35 1.64
C ASP A 125 -19.86 8.10 0.82
N LYS A 126 -20.18 6.99 1.47
CA LYS A 126 -20.41 5.73 0.77
C LYS A 126 -21.10 5.84 -0.59
N ARG A 127 -22.25 6.52 -0.62
CA ARG A 127 -23.02 6.69 -1.84
C ARG A 127 -22.26 7.41 -2.96
N HIS A 128 -21.49 8.42 -2.60
CA HIS A 128 -20.75 9.19 -3.59
C HIS A 128 -19.49 8.48 -4.07
N LEU A 129 -18.91 7.64 -3.22
CA LEU A 129 -17.72 6.90 -3.61
C LEU A 129 -18.16 5.97 -4.75
N THR A 130 -19.28 5.29 -4.54
CA THR A 130 -19.80 4.37 -5.55
C THR A 130 -20.01 5.08 -6.87
N THR A 131 -20.45 6.33 -6.80
CA THR A 131 -20.72 7.11 -8.00
C THR A 131 -19.46 7.51 -8.74
N LEU A 132 -18.44 7.91 -8.01
CA LEU A 132 -17.16 8.32 -8.59
C LEU A 132 -16.54 7.15 -9.34
N VAL A 133 -16.65 5.96 -8.75
CA VAL A 133 -16.09 4.76 -9.34
C VAL A 133 -16.84 4.38 -10.62
N LYS A 134 -18.17 4.39 -10.54
CA LYS A 134 -19.04 4.08 -11.68
C LYS A 134 -18.74 5.00 -12.86
N GLU A 135 -18.93 6.30 -12.63
CA GLU A 135 -18.71 7.31 -13.63
C GLU A 135 -17.30 7.36 -14.18
N MET A 136 -16.31 7.10 -13.32
CA MET A 136 -14.93 7.11 -13.76
C MET A 136 -14.69 5.97 -14.75
N LYS A 137 -15.23 4.79 -14.43
CA LYS A 137 -15.09 3.64 -15.29
C LYS A 137 -15.83 3.88 -16.61
N ALA A 138 -17.06 4.38 -16.51
CA ALA A 138 -17.87 4.64 -17.70
C ALA A 138 -17.08 5.53 -18.65
N GLU A 139 -16.41 6.53 -18.09
CA GLU A 139 -15.60 7.45 -18.87
C GLU A 139 -14.39 6.76 -19.49
N PHE A 140 -13.82 5.79 -18.78
CA PHE A 140 -12.66 5.06 -19.31
C PHE A 140 -13.10 4.16 -20.47
N ILE A 141 -14.31 3.62 -20.35
CA ILE A 141 -14.85 2.75 -21.39
C ILE A 141 -15.09 3.61 -22.62
N ARG A 142 -15.69 4.78 -22.40
CA ARG A 142 -15.97 5.76 -23.44
C ARG A 142 -14.68 6.08 -24.19
N GLU A 143 -13.65 6.45 -23.42
CA GLU A 143 -12.36 6.86 -23.95
C GLU A 143 -11.62 5.81 -24.79
N ALA A 144 -11.85 4.52 -24.50
CA ALA A 144 -11.18 3.47 -25.26
C ALA A 144 -11.68 3.38 -26.71
N GLN A 145 -12.83 3.98 -26.97
CA GLN A 145 -13.44 3.96 -28.31
C GLN A 145 -12.54 4.61 -29.35
N ALA A 146 -11.63 5.47 -28.91
CA ALA A 146 -10.72 6.17 -29.80
C ALA A 146 -9.61 5.25 -30.31
N GLY A 147 -9.67 3.97 -29.96
CA GLY A 147 -8.68 3.03 -30.44
C GLY A 147 -7.48 2.73 -29.56
N THR A 148 -7.50 3.23 -28.33
CA THR A 148 -6.41 3.00 -27.40
C THR A 148 -6.79 1.93 -26.37
N GLU A 149 -5.79 1.34 -25.73
CA GLU A 149 -6.07 0.32 -24.73
C GLU A 149 -6.75 0.98 -23.53
N GLN A 150 -7.90 0.44 -23.16
CA GLN A 150 -8.67 0.97 -22.04
C GLN A 150 -7.83 1.18 -20.79
N LEU A 151 -8.08 2.30 -20.11
CA LEU A 151 -7.37 2.65 -18.88
C LEU A 151 -7.89 1.82 -17.71
N LEU A 152 -6.98 1.44 -16.82
CA LEU A 152 -7.32 0.65 -15.65
C LEU A 152 -7.76 1.52 -14.48
N LEU A 153 -8.69 0.99 -13.68
CA LEU A 153 -9.16 1.71 -12.51
C LEU A 153 -9.03 0.77 -11.32
N SER A 154 -8.33 1.23 -10.29
CA SER A 154 -8.14 0.45 -9.09
C SER A 154 -8.37 1.35 -7.90
N ALA A 155 -8.42 0.75 -6.71
CA ALA A 155 -8.62 1.52 -5.50
C ALA A 155 -7.92 0.83 -4.33
N ALA A 156 -7.40 1.64 -3.41
CA ALA A 156 -6.73 1.14 -2.22
C ALA A 156 -7.81 1.26 -1.16
N VAL A 157 -8.14 0.14 -0.54
CA VAL A 157 -9.20 0.08 0.45
C VAL A 157 -8.78 -0.35 1.86
N SER A 158 -9.30 0.36 2.85
CA SER A 158 -9.04 0.07 4.26
C SER A 158 -9.36 -1.39 4.56
N ALA A 159 -8.60 -2.01 5.46
CA ALA A 159 -8.86 -3.40 5.81
C ALA A 159 -9.51 -3.48 7.20
N GLY A 160 -9.88 -2.32 7.75
CA GLY A 160 -10.54 -2.30 9.04
C GLY A 160 -12.04 -2.50 8.92
N LYS A 161 -12.52 -3.53 9.60
CA LYS A 161 -13.93 -3.93 9.61
C LYS A 161 -14.91 -2.77 9.71
N ILE A 162 -14.72 -1.90 10.70
CA ILE A 162 -15.57 -0.75 10.92
C ILE A 162 -15.48 0.24 9.77
N ALA A 163 -14.27 0.47 9.29
CA ALA A 163 -14.03 1.39 8.17
C ALA A 163 -14.72 0.91 6.90
N ILE A 164 -14.67 -0.41 6.65
CA ILE A 164 -15.29 -0.99 5.48
C ILE A 164 -16.81 -0.87 5.59
N ASP A 165 -17.34 -1.25 6.75
CA ASP A 165 -18.78 -1.20 6.99
C ASP A 165 -19.31 0.21 6.89
N ARG A 166 -18.51 1.17 7.36
CA ARG A 166 -18.89 2.57 7.37
C ARG A 166 -18.90 3.28 6.02
N GLY A 167 -17.84 3.13 5.23
CA GLY A 167 -17.79 3.84 3.97
C GLY A 167 -17.74 3.18 2.61
N TYR A 168 -17.83 1.86 2.53
CA TYR A 168 -17.77 1.21 1.22
C TYR A 168 -18.89 0.22 0.91
N ASP A 169 -19.40 0.31 -0.32
CA ASP A 169 -20.41 -0.60 -0.81
C ASP A 169 -19.55 -1.53 -1.67
N ILE A 170 -18.90 -2.48 -1.02
CA ILE A 170 -18.00 -3.41 -1.69
C ILE A 170 -18.53 -4.16 -2.91
N ALA A 171 -19.74 -4.68 -2.84
CA ALA A 171 -20.31 -5.41 -3.97
C ALA A 171 -20.44 -4.52 -5.20
N GLN A 172 -20.77 -3.25 -4.99
CA GLN A 172 -20.94 -2.33 -6.11
C GLN A 172 -19.64 -1.90 -6.79
N ILE A 173 -18.67 -1.42 -6.00
CA ILE A 173 -17.43 -0.96 -6.59
C ILE A 173 -16.57 -2.09 -7.10
N SER A 174 -16.83 -3.30 -6.64
CA SER A 174 -16.07 -4.45 -7.09
C SER A 174 -16.32 -4.75 -8.56
N ARG A 175 -17.54 -4.53 -9.04
CA ARG A 175 -17.81 -4.83 -10.44
C ARG A 175 -17.27 -3.79 -11.41
N HIS A 176 -16.96 -2.60 -10.91
CA HIS A 176 -16.44 -1.54 -11.77
C HIS A 176 -14.94 -1.34 -11.72
N LEU A 177 -14.28 -1.92 -10.73
CA LEU A 177 -12.83 -1.79 -10.55
C LEU A 177 -12.07 -2.99 -11.09
N ASP A 178 -10.89 -2.75 -11.65
CA ASP A 178 -10.05 -3.82 -12.22
C ASP A 178 -9.38 -4.65 -11.13
N PHE A 179 -9.11 -4.00 -10.00
CA PHE A 179 -8.57 -4.68 -8.83
C PHE A 179 -8.66 -3.76 -7.61
N ILE A 180 -8.73 -4.41 -6.45
CA ILE A 180 -8.86 -3.75 -5.18
C ILE A 180 -7.68 -4.13 -4.29
N SER A 181 -6.94 -3.13 -3.81
CA SER A 181 -5.81 -3.36 -2.93
C SER A 181 -6.27 -3.23 -1.48
N LEU A 182 -6.17 -4.33 -0.74
CA LEU A 182 -6.55 -4.36 0.67
C LEU A 182 -5.38 -3.84 1.49
N LEU A 183 -5.60 -2.77 2.24
CA LEU A 183 -4.54 -2.20 3.05
C LEU A 183 -4.40 -2.96 4.35
N THR A 184 -3.98 -4.21 4.25
CA THR A 184 -3.83 -5.08 5.40
C THR A 184 -2.56 -4.87 6.22
N TYR A 185 -2.27 -3.61 6.58
CA TYR A 185 -1.07 -3.35 7.37
C TYR A 185 -1.07 -2.17 8.32
N ASP A 186 -2.21 -1.59 8.64
CA ASP A 186 -2.18 -0.49 9.59
C ASP A 186 -3.18 -0.80 10.71
N PHE A 187 -3.10 -2.04 11.19
CA PHE A 187 -3.98 -2.54 12.24
C PHE A 187 -3.62 -2.12 13.64
N HIS A 188 -2.37 -1.77 13.84
CA HIS A 188 -1.94 -1.42 15.18
C HIS A 188 -0.75 -0.53 15.24
N GLY A 189 -1.01 0.72 15.48
CA GLY A 189 -0.01 1.70 15.54
C GLY A 189 -0.80 2.97 15.75
N ALA A 190 -2.07 2.95 15.39
CA ALA A 190 -2.92 4.10 15.59
C ALA A 190 -2.73 4.55 17.04
N TRP A 191 -1.81 5.48 17.24
CA TRP A 191 -1.44 5.88 18.62
C TRP A 191 -2.45 5.35 19.64
N ARG A 192 -2.03 4.21 20.19
CA ARG A 192 -2.72 3.44 21.19
C ARG A 192 -1.80 2.79 22.21
N GLN A 193 -1.48 3.61 23.18
CA GLN A 193 -0.65 3.33 24.34
C GLN A 193 -0.51 1.86 24.81
N THR A 194 0.33 1.07 24.12
CA THR A 194 0.60 -0.35 24.39
C THR A 194 1.29 -0.95 23.16
N VAL A 195 1.83 -2.17 23.26
CA VAL A 195 2.49 -2.83 22.09
C VAL A 195 1.73 -3.89 21.28
N GLY A 196 1.92 -3.90 19.96
CA GLY A 196 1.23 -4.85 19.12
C GLY A 196 1.71 -4.79 17.68
N HIS A 197 1.52 -5.86 16.89
CA HIS A 197 1.97 -5.88 15.49
C HIS A 197 0.93 -5.26 14.57
N HIS A 198 1.37 -4.46 13.62
CA HIS A 198 0.48 -3.76 12.69
C HIS A 198 0.08 -4.58 11.46
N SER A 199 0.67 -5.74 11.25
CA SER A 199 0.33 -6.53 10.08
C SER A 199 0.32 -8.04 10.30
N PRO A 200 -0.39 -8.51 11.33
CA PRO A 200 -0.38 -9.96 11.54
C PRO A 200 -1.24 -10.68 10.51
N LEU A 201 -0.84 -11.89 10.15
CA LEU A 201 -1.59 -12.67 9.19
C LEU A 201 -2.82 -13.25 9.88
N PHE A 202 -2.63 -13.75 11.10
CA PHE A 202 -3.71 -14.35 11.88
C PHE A 202 -3.99 -13.66 13.21
N ALA A 203 -5.15 -13.98 13.79
CA ALA A 203 -5.59 -13.39 15.05
C ALA A 203 -4.77 -13.84 16.25
N GLY A 204 -4.50 -15.13 16.35
CA GLY A 204 -3.73 -15.62 17.49
C GLY A 204 -4.51 -15.59 18.79
N ASN A 205 -4.71 -16.76 19.39
CA ASN A 205 -5.48 -16.90 20.62
C ASN A 205 -5.11 -16.02 21.82
N GLU A 206 -3.94 -15.39 21.79
CA GLU A 206 -3.57 -14.52 22.91
C GLU A 206 -4.20 -13.14 22.81
N ASP A 207 -4.62 -12.61 23.96
CA ASP A 207 -5.24 -11.30 24.07
C ASP A 207 -6.11 -10.91 22.88
N ALA A 208 -6.96 -11.85 22.45
CA ALA A 208 -7.86 -11.60 21.33
C ALA A 208 -9.01 -10.70 21.75
N SER A 209 -9.35 -9.73 20.92
CA SER A 209 -10.44 -8.80 21.22
C SER A 209 -10.85 -7.93 20.06
N SER A 210 -9.90 -7.72 19.16
CA SER A 210 -10.07 -6.89 18.00
C SER A 210 -9.69 -7.92 16.96
N ARG A 211 -10.48 -8.97 17.13
CA ARG A 211 -10.57 -10.22 16.42
C ARG A 211 -10.57 -9.89 14.95
N PHE A 212 -10.84 -8.63 14.62
CA PHE A 212 -10.90 -8.20 13.23
C PHE A 212 -9.60 -7.62 12.69
N SER A 213 -8.64 -7.33 13.58
CA SER A 213 -7.40 -6.70 13.14
C SER A 213 -6.24 -7.58 12.69
N ASN A 214 -6.50 -8.40 11.67
CA ASN A 214 -5.51 -9.29 11.11
C ASN A 214 -5.91 -9.52 9.65
N ALA A 215 -4.94 -9.78 8.78
CA ALA A 215 -5.20 -10.00 7.35
C ALA A 215 -6.24 -11.09 7.04
N ASP A 216 -6.17 -12.21 7.74
CA ASP A 216 -7.10 -13.31 7.50
C ASP A 216 -8.56 -12.89 7.64
N TYR A 217 -8.85 -12.11 8.67
CA TYR A 217 -10.23 -11.67 8.85
C TYR A 217 -10.63 -10.71 7.73
N ALA A 218 -9.79 -9.73 7.43
CA ALA A 218 -10.09 -8.77 6.37
C ALA A 218 -10.32 -9.43 5.01
N VAL A 219 -9.52 -10.43 4.66
CA VAL A 219 -9.75 -11.08 3.39
C VAL A 219 -11.10 -11.80 3.42
N SER A 220 -11.30 -12.64 4.45
CA SER A 220 -12.56 -13.36 4.59
C SER A 220 -13.77 -12.44 4.53
N TYR A 221 -13.67 -11.29 5.17
CA TYR A 221 -14.78 -10.34 5.18
C TYR A 221 -15.06 -9.81 3.78
N MET A 222 -14.04 -9.24 3.13
CA MET A 222 -14.21 -8.71 1.77
C MET A 222 -14.88 -9.73 0.86
N LEU A 223 -14.50 -11.00 1.01
CA LEU A 223 -15.06 -12.06 0.19
C LEU A 223 -16.55 -12.28 0.51
N ARG A 224 -16.90 -12.21 1.80
CA ARG A 224 -18.29 -12.41 2.21
C ARG A 224 -19.15 -11.25 1.67
N LEU A 225 -18.59 -10.04 1.71
CA LEU A 225 -19.30 -8.86 1.25
C LEU A 225 -19.54 -8.78 -0.26
N GLY A 226 -18.92 -9.68 -1.02
CA GLY A 226 -19.17 -9.66 -2.46
C GLY A 226 -18.03 -9.40 -3.42
N ALA A 227 -16.82 -9.13 -2.92
CA ALA A 227 -15.69 -8.87 -3.82
C ALA A 227 -15.15 -10.18 -4.42
N PRO A 228 -14.96 -10.21 -5.75
CA PRO A 228 -14.43 -11.48 -6.26
C PRO A 228 -12.96 -11.62 -5.94
N ALA A 229 -12.57 -12.83 -5.60
CA ALA A 229 -11.19 -13.14 -5.26
C ALA A 229 -10.25 -12.75 -6.39
N ASN A 230 -10.68 -12.92 -7.64
CA ASN A 230 -9.80 -12.57 -8.75
C ASN A 230 -9.59 -11.08 -8.94
N LYS A 231 -10.11 -10.28 -8.02
CA LYS A 231 -9.94 -8.83 -8.09
C LYS A 231 -9.36 -8.28 -6.80
N LEU A 232 -9.19 -9.14 -5.81
CA LEU A 232 -8.62 -8.75 -4.53
C LEU A 232 -7.12 -8.92 -4.52
N VAL A 233 -6.45 -7.92 -3.95
CA VAL A 233 -5.01 -7.94 -3.84
C VAL A 233 -4.67 -7.60 -2.40
N MET A 234 -3.96 -8.51 -1.73
CA MET A 234 -3.59 -8.31 -0.33
C MET A 234 -2.34 -7.45 -0.16
N GLY A 235 -2.44 -6.44 0.69
CA GLY A 235 -1.34 -5.54 0.94
C GLY A 235 -0.27 -6.15 1.84
N ILE A 236 0.98 -5.99 1.43
CA ILE A 236 2.13 -6.51 2.17
C ILE A 236 3.08 -5.35 2.44
N PRO A 237 3.33 -5.04 3.73
CA PRO A 237 4.21 -3.92 4.05
C PRO A 237 5.69 -4.20 3.96
N THR A 238 6.42 -3.16 3.59
CA THR A 238 7.86 -3.19 3.43
C THR A 238 8.53 -2.33 4.52
N PHE A 239 7.69 -1.80 5.41
CA PHE A 239 8.17 -0.99 6.51
C PHE A 239 7.71 -1.60 7.84
N GLY A 240 8.20 -1.05 8.93
CA GLY A 240 7.81 -1.52 10.24
C GLY A 240 7.33 -0.34 11.06
N ARG A 241 6.62 -0.62 12.14
CA ARG A 241 6.16 0.46 12.98
C ARG A 241 6.92 0.26 14.30
N SER A 242 7.48 1.35 14.81
CA SER A 242 8.28 1.32 16.04
C SER A 242 7.60 1.98 17.22
N PHE A 243 8.00 1.57 18.42
CA PHE A 243 7.44 2.13 19.64
C PHE A 243 8.57 2.36 20.61
N THR A 244 8.37 3.30 21.51
CA THR A 244 9.34 3.59 22.56
C THR A 244 8.68 2.98 23.79
N LEU A 245 9.31 1.96 24.35
CA LEU A 245 8.79 1.27 25.52
C LEU A 245 8.74 2.17 26.75
N ALA A 246 7.75 1.94 27.60
CA ALA A 246 7.61 2.74 28.82
C ALA A 246 8.13 1.98 30.03
N SER A 247 8.56 0.75 29.80
CA SER A 247 9.10 -0.08 30.88
C SER A 247 10.02 -1.11 30.27
N SER A 248 10.67 -1.89 31.13
CA SER A 248 11.57 -2.91 30.62
C SER A 248 10.84 -4.13 30.08
N LYS A 249 9.51 -4.08 30.05
CA LYS A 249 8.75 -5.23 29.55
C LYS A 249 8.67 -5.24 28.02
N THR A 250 8.90 -6.41 27.44
CA THR A 250 8.92 -6.58 25.99
C THR A 250 7.81 -7.45 25.36
N ASP A 251 7.08 -8.20 26.18
CA ASP A 251 6.03 -9.07 25.65
C ASP A 251 4.74 -8.33 25.27
N VAL A 252 3.76 -9.08 24.77
CA VAL A 252 2.49 -8.50 24.34
C VAL A 252 1.83 -7.71 25.47
N GLY A 253 1.12 -6.64 25.10
CA GLY A 253 0.44 -5.83 26.09
C GLY A 253 1.30 -4.86 26.88
N ALA A 254 2.61 -4.91 26.67
CA ALA A 254 3.55 -4.03 27.38
C ALA A 254 3.24 -2.56 27.10
N PRO A 255 3.30 -1.70 28.12
CA PRO A 255 3.00 -0.28 27.88
C PRO A 255 3.99 0.46 26.98
N VAL A 256 3.51 1.54 26.37
CA VAL A 256 4.28 2.34 25.44
C VAL A 256 4.16 3.85 25.71
N SER A 257 5.30 4.54 25.67
CA SER A 257 5.34 5.98 25.90
C SER A 257 4.96 6.79 24.67
N GLY A 258 5.19 6.22 23.50
CA GLY A 258 4.88 6.90 22.26
C GLY A 258 5.56 6.20 21.10
N PRO A 259 5.57 6.81 19.91
CA PRO A 259 6.21 6.18 18.75
C PRO A 259 7.72 6.03 18.89
N GLY A 260 8.31 5.29 17.96
CA GLY A 260 9.74 5.07 17.99
C GLY A 260 10.56 6.24 17.48
N VAL A 261 11.85 6.15 17.75
CA VAL A 261 12.82 7.15 17.35
C VAL A 261 12.96 7.10 15.82
N PRO A 262 12.98 8.27 15.17
CA PRO A 262 13.09 8.30 13.70
C PRO A 262 14.23 7.46 13.13
N GLY A 263 14.09 7.13 11.86
CA GLY A 263 15.11 6.37 11.17
C GLY A 263 16.07 7.41 10.64
N ARG A 264 17.31 7.01 10.43
CA ARG A 264 18.36 7.88 9.94
C ARG A 264 18.04 8.41 8.55
N PHE A 265 17.39 7.60 7.74
CA PHE A 265 17.07 8.01 6.38
C PHE A 265 15.62 8.44 6.17
N THR A 266 14.68 7.77 6.84
CA THR A 266 13.28 8.10 6.65
C THR A 266 12.81 9.27 7.50
N LYS A 267 13.54 9.54 8.58
CA LYS A 267 13.23 10.66 9.47
C LYS A 267 11.74 10.90 9.74
N GLU A 268 11.06 9.91 10.30
CA GLU A 268 9.63 10.03 10.64
C GLU A 268 9.37 9.12 11.84
N LYS A 269 8.98 9.72 12.97
CA LYS A 269 8.71 8.94 14.18
C LYS A 269 7.68 7.86 13.89
N GLY A 270 7.87 6.66 14.42
CA GLY A 270 6.88 5.63 14.20
C GLY A 270 7.11 4.61 13.12
N ILE A 271 7.91 4.93 12.11
CA ILE A 271 8.16 3.95 11.07
C ILE A 271 9.63 3.84 10.70
N LEU A 272 9.95 2.67 10.15
CA LEU A 272 11.30 2.34 9.71
C LEU A 272 11.18 1.61 8.38
N ALA A 273 12.13 1.83 7.49
CA ALA A 273 12.13 1.14 6.21
C ALA A 273 12.74 -0.23 6.46
N TYR A 274 12.49 -1.19 5.57
CA TYR A 274 13.06 -2.50 5.79
C TYR A 274 14.59 -2.39 5.89
N TYR A 275 15.19 -1.54 5.05
CA TYR A 275 16.65 -1.40 5.10
C TYR A 275 17.16 -0.80 6.40
N GLU A 276 16.36 0.06 7.03
CA GLU A 276 16.76 0.63 8.32
C GLU A 276 16.62 -0.48 9.37
N ILE A 277 15.57 -1.29 9.24
CA ILE A 277 15.34 -2.40 10.16
C ILE A 277 16.52 -3.38 10.09
N CYS A 278 17.04 -3.61 8.88
CA CYS A 278 18.16 -4.50 8.72
C CYS A 278 19.34 -4.02 9.56
N ASP A 279 19.61 -2.72 9.52
CA ASP A 279 20.70 -2.15 10.30
C ASP A 279 20.37 -2.35 11.78
N PHE A 280 19.15 -1.97 12.15
CA PHE A 280 18.63 -2.08 13.52
C PHE A 280 18.72 -3.45 14.20
N LEU A 281 18.69 -4.52 13.42
CA LEU A 281 18.73 -5.87 14.01
C LEU A 281 20.05 -6.24 14.67
N HIS A 282 21.14 -5.65 14.23
CA HIS A 282 22.42 -5.94 14.82
C HIS A 282 22.40 -5.52 16.29
N GLY A 283 22.52 -6.50 17.18
CA GLY A 283 22.51 -6.21 18.60
C GLY A 283 21.11 -6.15 19.17
N ALA A 284 20.15 -6.69 18.43
CA ALA A 284 18.77 -6.70 18.89
C ALA A 284 18.31 -8.12 19.13
N THR A 285 17.22 -8.24 19.87
CA THR A 285 16.63 -9.55 20.15
C THR A 285 15.45 -9.69 19.20
N THR A 286 15.44 -10.76 18.40
CA THR A 286 14.33 -10.95 17.49
C THR A 286 13.36 -11.99 18.03
N HIS A 287 12.07 -11.65 17.99
CA HIS A 287 11.02 -12.54 18.47
C HIS A 287 10.03 -12.76 17.34
N ARG A 288 9.18 -13.77 17.45
CA ARG A 288 8.20 -14.03 16.41
C ARG A 288 6.91 -14.62 16.98
N PHE A 289 5.81 -13.92 16.78
CA PHE A 289 4.50 -14.40 17.25
C PHE A 289 4.14 -15.63 16.41
N ARG A 290 3.98 -16.78 17.05
CA ARG A 290 3.63 -18.00 16.31
C ARG A 290 2.24 -17.84 15.74
N ASP A 291 1.31 -17.48 16.62
CA ASP A 291 -0.07 -17.31 16.24
C ASP A 291 -0.26 -16.37 15.06
N GLN A 292 0.22 -15.14 15.20
CA GLN A 292 0.07 -14.14 14.16
C GLN A 292 1.04 -14.35 12.99
N GLN A 293 2.10 -15.10 13.25
CA GLN A 293 3.12 -15.43 12.26
C GLN A 293 3.91 -14.25 11.70
N VAL A 294 4.25 -13.32 12.58
CA VAL A 294 5.01 -12.14 12.20
C VAL A 294 6.06 -11.87 13.27
N PRO A 295 7.21 -11.29 12.89
CA PRO A 295 8.27 -10.99 13.85
C PRO A 295 8.29 -9.58 14.42
N TYR A 296 9.09 -9.40 15.48
CA TYR A 296 9.30 -8.10 16.09
C TYR A 296 10.68 -8.10 16.74
N ALA A 297 11.22 -6.92 17.04
CA ALA A 297 12.55 -6.84 17.62
C ALA A 297 12.68 -5.74 18.67
N THR A 298 13.59 -5.95 19.62
CA THR A 298 13.84 -4.96 20.67
C THR A 298 15.33 -4.72 20.83
N LYS A 299 15.65 -3.50 21.25
CA LYS A 299 17.02 -3.06 21.45
C LYS A 299 16.82 -1.90 22.42
N GLY A 300 17.52 -1.87 23.55
CA GLY A 300 17.30 -0.78 24.48
C GLY A 300 15.81 -0.59 24.72
N ASN A 301 15.30 0.63 24.54
CA ASN A 301 13.86 0.88 24.77
C ASN A 301 13.01 0.97 23.50
N GLN A 302 13.56 0.51 22.38
CA GLN A 302 12.84 0.53 21.11
C GLN A 302 12.28 -0.86 20.78
N TRP A 303 11.03 -0.88 20.33
CA TRP A 303 10.34 -2.12 19.99
C TRP A 303 9.80 -1.99 18.55
N VAL A 304 10.26 -2.85 17.65
CA VAL A 304 9.83 -2.77 16.26
C VAL A 304 9.03 -3.97 15.73
N ALA A 305 7.89 -3.67 15.11
CA ALA A 305 6.99 -4.66 14.51
C ALA A 305 7.21 -4.59 13.01
N TYR A 306 7.73 -5.66 12.42
CA TYR A 306 8.03 -5.64 10.99
C TYR A 306 7.77 -6.97 10.31
N ASP A 307 8.09 -7.02 9.02
CA ASP A 307 7.94 -8.21 8.20
C ASP A 307 9.30 -8.59 7.57
N ASP A 308 9.61 -9.88 7.53
CA ASP A 308 10.86 -10.31 6.89
C ASP A 308 10.56 -11.28 5.75
N GLN A 309 11.59 -11.77 5.08
CA GLN A 309 11.39 -12.66 3.94
C GLN A 309 10.43 -13.79 4.26
N GLU A 310 10.59 -14.35 5.44
CA GLU A 310 9.76 -15.43 5.92
C GLU A 310 8.29 -15.06 6.17
N SER A 311 8.03 -13.90 6.76
CA SER A 311 6.63 -13.56 7.02
C SER A 311 5.95 -13.16 5.73
N VAL A 312 6.73 -12.60 4.84
CA VAL A 312 6.25 -12.13 3.55
C VAL A 312 6.00 -13.32 2.59
N LYS A 313 6.76 -14.40 2.75
CA LYS A 313 6.58 -15.58 1.89
C LYS A 313 5.34 -16.28 2.38
N ASN A 314 5.15 -16.19 3.69
CA ASN A 314 4.02 -16.79 4.38
C ASN A 314 2.71 -16.17 3.89
N LYS A 315 2.69 -14.84 3.86
CA LYS A 315 1.52 -14.09 3.42
C LYS A 315 1.19 -14.39 1.97
N ALA A 316 2.24 -14.56 1.15
CA ALA A 316 2.06 -14.87 -0.26
C ALA A 316 1.47 -16.27 -0.44
N ARG A 317 1.82 -17.21 0.44
CA ARG A 317 1.27 -18.55 0.35
C ARG A 317 -0.21 -18.50 0.72
N TYR A 318 -0.52 -17.77 1.78
CA TYR A 318 -1.89 -17.61 2.25
C TYR A 318 -2.76 -17.11 1.11
N LEU A 319 -2.31 -16.02 0.51
CA LEU A 319 -3.00 -15.37 -0.59
C LEU A 319 -3.22 -16.31 -1.80
N LYS A 320 -2.25 -17.17 -2.12
CA LYS A 320 -2.41 -18.12 -3.21
C LYS A 320 -3.49 -19.15 -2.83
N ASN A 321 -3.42 -19.62 -1.59
CA ASN A 321 -4.37 -20.61 -1.08
C ASN A 321 -5.81 -20.16 -1.09
N ARG A 322 -6.04 -18.86 -0.99
CA ARG A 322 -7.40 -18.33 -1.01
C ARG A 322 -7.74 -17.85 -2.43
N GLN A 323 -6.84 -18.12 -3.35
CA GLN A 323 -7.00 -17.78 -4.76
C GLN A 323 -7.25 -16.31 -5.07
N LEU A 324 -6.49 -15.41 -4.43
CA LEU A 324 -6.67 -13.99 -4.70
C LEU A 324 -5.93 -13.60 -5.99
N ALA A 325 -6.16 -12.37 -6.46
CA ALA A 325 -5.54 -11.89 -7.69
C ALA A 325 -4.02 -11.72 -7.62
N GLY A 326 -3.51 -11.46 -6.42
CA GLY A 326 -2.08 -11.30 -6.26
C GLY A 326 -1.73 -10.54 -5.00
N ALA A 327 -0.63 -9.81 -5.07
CA ALA A 327 -0.16 -9.04 -3.92
C ALA A 327 0.15 -7.60 -4.26
N MET A 328 0.05 -6.75 -3.24
CA MET A 328 0.34 -5.34 -3.34
C MET A 328 1.44 -5.06 -2.32
N VAL A 329 2.43 -4.29 -2.73
CA VAL A 329 3.55 -3.95 -1.85
C VAL A 329 3.70 -2.45 -1.63
N TRP A 330 3.78 -2.06 -0.37
CA TRP A 330 3.99 -0.67 -0.03
C TRP A 330 5.23 -0.65 0.85
N ALA A 331 6.35 -0.13 0.36
CA ALA A 331 6.50 0.41 -0.98
C ALA A 331 7.92 0.06 -1.45
N LEU A 332 8.14 0.03 -2.76
CA LEU A 332 9.45 -0.31 -3.33
C LEU A 332 10.65 0.44 -2.73
N ASP A 333 10.47 1.72 -2.42
CA ASP A 333 11.52 2.57 -1.88
C ASP A 333 11.79 2.41 -0.39
N LEU A 334 11.06 1.50 0.24
CA LEU A 334 11.22 1.24 1.66
C LEU A 334 11.80 -0.16 1.83
N ASP A 335 11.95 -0.85 0.70
CA ASP A 335 12.53 -2.19 0.67
C ASP A 335 14.01 -1.90 0.51
N ASP A 336 14.87 -2.93 0.57
CA ASP A 336 16.30 -2.68 0.40
C ASP A 336 16.49 -2.64 -1.11
N PHE A 337 16.19 -1.49 -1.72
CA PHE A 337 16.28 -1.37 -3.17
C PHE A 337 17.71 -1.36 -3.72
N ARG A 338 18.69 -0.96 -2.92
CA ARG A 338 20.08 -0.95 -3.40
C ARG A 338 20.69 -2.33 -3.18
N GLY A 339 20.12 -3.06 -2.23
CA GLY A 339 20.59 -4.40 -1.93
C GLY A 339 21.90 -4.46 -1.17
N THR A 340 22.18 -3.43 -0.37
CA THR A 340 23.42 -3.39 0.37
C THR A 340 23.26 -3.01 1.84
N PHE A 341 22.16 -3.44 2.45
CA PHE A 341 21.89 -3.15 3.87
C PHE A 341 21.46 -4.38 4.62
N CYS A 342 21.00 -5.38 3.90
CA CYS A 342 20.47 -6.53 4.57
C CYS A 342 21.24 -7.80 4.49
N GLY A 343 22.41 -7.75 3.88
CA GLY A 343 23.21 -8.95 3.77
C GLY A 343 23.02 -9.61 2.42
N GLN A 344 22.69 -10.91 2.45
CA GLN A 344 22.54 -11.68 1.22
C GLN A 344 22.10 -10.80 0.06
N ASN A 345 23.14 -10.38 -0.66
CA ASN A 345 23.06 -9.51 -1.81
C ASN A 345 21.92 -9.81 -2.74
N LEU A 346 20.86 -9.04 -2.54
CA LEU A 346 19.67 -9.17 -3.33
C LEU A 346 19.05 -7.80 -3.33
N THR A 347 18.67 -7.34 -4.52
CA THR A 347 18.03 -6.06 -4.68
C THR A 347 16.55 -6.37 -4.37
N PHE A 348 15.87 -5.51 -3.62
CA PHE A 348 14.45 -5.74 -3.27
C PHE A 348 14.20 -7.12 -2.66
N PRO A 349 14.89 -7.45 -1.57
CA PRO A 349 14.72 -8.75 -0.91
C PRO A 349 13.28 -9.12 -0.56
N LEU A 350 12.55 -8.21 0.08
CA LEU A 350 11.17 -8.48 0.46
C LEU A 350 10.24 -8.67 -0.73
N THR A 351 10.27 -7.76 -1.69
CA THR A 351 9.40 -7.89 -2.86
C THR A 351 9.74 -9.14 -3.68
N SER A 352 11.02 -9.46 -3.80
CA SER A 352 11.48 -10.64 -4.55
C SER A 352 10.99 -11.92 -3.90
N ALA A 353 10.94 -11.92 -2.58
CA ALA A 353 10.47 -13.07 -1.83
C ALA A 353 8.99 -13.27 -2.15
N VAL A 354 8.25 -12.16 -2.27
CA VAL A 354 6.84 -12.28 -2.60
C VAL A 354 6.72 -12.79 -4.04
N LYS A 355 7.59 -12.30 -4.92
CA LYS A 355 7.54 -12.72 -6.32
C LYS A 355 7.86 -14.19 -6.53
N ASP A 356 8.78 -14.74 -5.73
CA ASP A 356 9.16 -16.15 -5.86
C ASP A 356 8.02 -17.10 -5.54
N VAL A 357 7.27 -16.79 -4.49
CA VAL A 357 6.16 -17.64 -4.12
C VAL A 357 5.09 -17.61 -5.20
N LEU A 358 4.75 -16.40 -5.65
CA LEU A 358 3.75 -16.19 -6.69
C LEU A 358 4.12 -16.89 -7.98
N ALA A 359 5.42 -16.94 -8.26
CA ALA A 359 5.92 -17.58 -9.47
C ALA A 359 5.91 -19.10 -9.35
N GLU A 360 5.80 -19.60 -8.12
CA GLU A 360 5.75 -21.05 -7.89
C GLU A 360 4.38 -21.52 -8.36
N VAL A 361 4.16 -22.82 -8.27
CA VAL A 361 2.87 -23.37 -8.67
C VAL A 361 1.83 -22.71 -7.75
#